data_5HPS
#
_entry.id   5HPS
#
_cell.length_a   207.914
_cell.length_b   44.908
_cell.length_c   60.200
_cell.angle_alpha   90.00
_cell.angle_beta   96.07
_cell.angle_gamma   90.00
#
_symmetry.space_group_name_H-M   'C 1 2 1'
#
loop_
_entity.id
_entity.type
_entity.pdbx_description
1 polymer 'WWP1 HECT'
2 polymer 'Ubiquitin variant P1.1'
3 water water
#
loop_
_entity_poly.entity_id
_entity_poly.type
_entity_poly.pdbx_seq_one_letter_code
_entity_poly.pdbx_strand_id
1 'polypeptide(L)'
;GSGGPQIAYERGFRWKLAHFRYLCQSNALPSHVKINVSRQTLFEDSFQQIMALKPYDLRRRLYVIFRGEEGLDYGGLARE
WFFLLSHEVLNPMYCLFEYAGKNNYCLQINPASTINPDHLSYFCFIGRFIAMALFHGKFIDTGFSLPFYKRMLSKKLTIK
DLESIDTEFYNSLIWIRDNNIEECGLEMYFSVDMEILGKVTSHDLKLGGSNILVTEENKDEYIGLMTEWRFSRGVQEQTK
AFLDGFNEVVPLQWLQYFDEKELEVMLCGMQEVDLADWQRNTVYRHYTRNSKQIIWFWQFVKETDNEVRMRLLQFVTGTC
RLPLGGFAELMGSNGPQKFCIEKVGKDTWLPRSHTCFNRLDLPPYKSYEQLKEKLLFAIEETE
;
A
2 'polypeptide(L)'
;GSGGSMHIFVKTLRGWSITLEVEPSDTIENVKAKIQDKEGIPPDQQILIFARKKLEDGRTLSDYNIQEKSSLYLFLRLLR
KSR
;
B
#
# COMPACT_ATOMS: atom_id res chain seq x y z
N ILE A 7 28.84 7.65 -0.67
CA ILE A 7 27.80 7.85 -1.68
C ILE A 7 26.67 8.74 -1.16
N ALA A 8 26.38 9.80 -1.92
CA ALA A 8 25.27 10.67 -1.60
C ALA A 8 24.48 10.97 -2.86
N TYR A 9 23.32 11.59 -2.68
CA TYR A 9 22.49 11.99 -3.79
C TYR A 9 21.58 13.07 -3.25
N GLU A 10 21.64 14.27 -3.80
CA GLU A 10 20.71 15.27 -3.28
C GLU A 10 19.59 15.47 -4.30
N ARG A 11 18.38 15.40 -3.77
CA ARG A 11 17.14 15.56 -4.50
C ARG A 11 16.67 16.99 -4.31
N GLY A 12 17.40 17.71 -3.47
CA GLY A 12 16.96 19.01 -3.00
C GLY A 12 16.03 18.84 -1.81
N PHE A 13 16.10 17.68 -1.14
CA PHE A 13 15.22 17.41 -0.01
C PHE A 13 15.38 18.43 1.14
N ARG A 14 16.63 18.78 1.47
CA ARG A 14 16.86 19.81 2.49
C ARG A 14 16.21 21.13 2.10
N TRP A 15 16.35 21.50 0.83
CA TRP A 15 15.71 22.71 0.32
C TRP A 15 14.18 22.66 0.48
N LYS A 16 13.59 21.53 0.10
CA LYS A 16 12.14 21.33 0.20
C LYS A 16 11.66 21.40 1.64
N LEU A 17 12.30 20.63 2.51
CA LEU A 17 11.98 20.63 3.94
C LEU A 17 12.05 22.03 4.54
N ALA A 18 13.12 22.77 4.23
CA ALA A 18 13.30 24.10 4.80
C ALA A 18 12.19 25.04 4.33
N HIS A 19 11.81 24.92 3.07
CA HIS A 19 10.72 25.75 2.56
C HIS A 19 9.37 25.34 3.14
N PHE A 20 9.13 24.04 3.31
CA PHE A 20 7.86 23.61 3.87
C PHE A 20 7.72 24.05 5.32
N ARG A 21 8.80 23.92 6.09
CA ARG A 21 8.78 24.32 7.50
C ARG A 21 8.56 25.83 7.64
N TYR A 22 9.18 26.60 6.76
CA TYR A 22 9.03 28.05 6.79
C TYR A 22 7.58 28.41 6.50
N LEU A 23 6.94 27.72 5.56
CA LEU A 23 5.53 27.96 5.31
C LEU A 23 4.69 27.76 6.56
N CYS A 24 4.94 26.67 7.27
CA CYS A 24 4.20 26.37 8.49
C CYS A 24 4.45 27.41 9.59
N GLN A 25 5.72 27.69 9.85
CA GLN A 25 6.07 28.57 10.95
C GLN A 25 5.67 30.01 10.67
N SER A 26 5.69 30.41 9.40
CA SER A 26 5.39 31.79 9.06
C SER A 26 3.88 32.05 9.08
N ASN A 27 3.11 30.97 9.24
CA ASN A 27 1.66 31.01 9.37
C ASN A 27 1.21 30.50 10.72
N ALA A 28 2.15 30.40 11.66
CA ALA A 28 1.79 30.05 13.02
C ALA A 28 0.87 31.15 13.55
N LEU A 29 -0.03 30.78 14.46
CA LEU A 29 -0.97 31.73 15.09
C LEU A 29 -0.63 31.88 16.57
N PRO A 30 -0.90 33.06 17.15
CA PRO A 30 -0.49 33.33 18.53
C PRO A 30 -1.27 32.49 19.55
N SER A 31 -0.83 32.54 20.80
CA SER A 31 -1.51 31.86 21.91
C SER A 31 -1.52 30.35 21.69
N HIS A 32 -2.51 29.68 22.28
CA HIS A 32 -2.55 28.22 22.22
C HIS A 32 -3.93 27.62 22.02
N VAL A 33 -3.97 26.31 21.74
CA VAL A 33 -5.18 25.53 21.92
C VAL A 33 -5.00 24.56 23.06
N LYS A 34 -6.00 24.50 23.91
CA LYS A 34 -5.98 23.59 25.04
C LYS A 34 -6.71 22.30 24.65
N ILE A 35 -6.03 21.17 24.85
CA ILE A 35 -6.61 19.86 24.62
C ILE A 35 -6.64 19.10 25.94
N ASN A 36 -7.83 18.89 26.45
CA ASN A 36 -8.05 18.27 27.75
C ASN A 36 -8.56 16.84 27.63
N VAL A 37 -7.73 15.85 27.94
CA VAL A 37 -8.13 14.46 27.70
C VAL A 37 -7.87 13.52 28.87
N SER A 38 -8.57 12.39 28.85
CA SER A 38 -8.29 11.25 29.71
C SER A 38 -7.51 10.19 28.96
N ARG A 39 -6.58 9.55 29.66
CA ARG A 39 -5.78 8.49 29.06
C ARG A 39 -6.65 7.34 28.55
N GLN A 40 -7.78 7.09 29.21
CA GLN A 40 -8.66 5.98 28.81
C GLN A 40 -9.83 6.41 27.94
N THR A 41 -9.89 7.69 27.59
CA THR A 41 -10.93 8.19 26.71
C THR A 41 -10.31 9.14 25.69
N LEU A 42 -9.05 8.86 25.33
CA LEU A 42 -8.23 9.73 24.49
C LEU A 42 -8.83 10.02 23.11
N PHE A 43 -9.20 8.96 22.40
CA PHE A 43 -9.85 9.08 21.08
C PHE A 43 -11.08 10.00 21.17
N GLU A 44 -12.04 9.64 22.03
CA GLU A 44 -13.29 10.40 22.09
C GLU A 44 -13.08 11.83 22.58
N ASP A 45 -12.28 12.02 23.64
CA ASP A 45 -11.99 13.36 24.13
C ASP A 45 -11.33 14.22 23.07
N SER A 46 -10.29 13.69 22.42
CA SER A 46 -9.61 14.43 21.35
C SER A 46 -10.54 14.71 20.15
N PHE A 47 -11.35 13.73 19.78
CA PHE A 47 -12.28 13.91 18.67
C PHE A 47 -13.21 15.11 18.92
N GLN A 48 -13.88 15.07 20.05
CA GLN A 48 -14.82 16.14 20.41
C GLN A 48 -14.16 17.52 20.48
N GLN A 49 -13.00 17.60 21.12
CA GLN A 49 -12.41 18.92 21.35
C GLN A 49 -11.82 19.50 20.07
N ILE A 50 -11.13 18.66 19.30
CA ILE A 50 -10.54 19.12 18.07
C ILE A 50 -11.63 19.51 17.06
N MET A 51 -12.68 18.72 16.96
CA MET A 51 -13.75 19.04 16.01
C MET A 51 -14.53 20.29 16.42
N ALA A 52 -14.60 20.58 17.72
CA ALA A 52 -15.31 21.80 18.15
C ALA A 52 -14.48 23.06 17.87
N LEU A 53 -13.17 22.88 17.66
CA LEU A 53 -12.29 24.01 17.34
C LEU A 53 -12.30 24.34 15.84
N LYS A 54 -12.10 25.62 15.51
CA LYS A 54 -11.88 26.05 14.14
C LYS A 54 -10.54 25.45 13.64
N PRO A 55 -10.44 25.13 12.34
CA PRO A 55 -9.26 24.38 11.85
C PRO A 55 -7.96 25.15 12.02
N TYR A 56 -8.04 26.46 11.81
CA TYR A 56 -6.89 27.32 11.91
C TYR A 56 -6.42 27.47 13.36
N ASP A 57 -7.30 27.25 14.34
CA ASP A 57 -6.87 27.16 15.75
C ASP A 57 -5.76 26.13 15.96
N LEU A 58 -5.77 25.10 15.13
CA LEU A 58 -4.83 23.99 15.26
C LEU A 58 -3.41 24.44 14.93
N ARG A 59 -3.28 25.59 14.30
CA ARG A 59 -1.99 26.22 14.05
C ARG A 59 -1.47 27.07 15.25
N ARG A 60 -2.25 27.17 16.32
CA ARG A 60 -1.75 27.80 17.54
C ARG A 60 -0.83 26.80 18.23
N ARG A 61 -0.11 27.22 19.26
CA ARG A 61 0.74 26.27 19.96
C ARG A 61 -0.21 25.32 20.69
N LEU A 62 0.23 24.10 20.93
CA LEU A 62 -0.65 23.08 21.42
C LEU A 62 -0.39 22.85 22.92
N TYR A 63 -1.47 22.77 23.68
CA TYR A 63 -1.39 22.66 25.12
C TYR A 63 -2.23 21.47 25.60
N VAL A 64 -1.58 20.33 25.79
CA VAL A 64 -2.31 19.12 26.15
C VAL A 64 -2.27 18.81 27.65
N ILE A 65 -3.44 18.46 28.17
CA ILE A 65 -3.59 18.07 29.57
C ILE A 65 -4.12 16.65 29.70
N PHE A 66 -3.34 15.78 30.33
CA PHE A 66 -3.87 14.49 30.77
C PHE A 66 -4.51 14.66 32.16
N ARG A 67 -5.82 14.54 32.21
CA ARG A 67 -6.58 14.71 33.46
C ARG A 67 -6.10 13.76 34.55
N GLY A 68 -5.90 14.29 35.76
CA GLY A 68 -5.52 13.49 36.90
C GLY A 68 -4.03 13.19 36.96
N GLU A 69 -3.25 13.87 36.13
CA GLU A 69 -1.80 13.63 36.03
C GLU A 69 -1.08 14.97 35.89
N GLU A 70 0.26 14.94 35.95
CA GLU A 70 1.16 16.03 35.51
C GLU A 70 2.62 15.66 35.71
N TYR A 74 6.21 20.74 29.13
CA TYR A 74 6.43 19.44 28.54
C TYR A 74 5.53 19.19 27.34
N GLY A 75 6.01 19.59 26.16
CA GLY A 75 5.36 19.20 24.92
C GLY A 75 6.28 18.53 23.90
N GLY A 76 6.82 17.36 24.22
CA GLY A 76 6.70 16.76 25.55
C GLY A 76 5.59 15.73 25.67
N LEU A 77 4.56 15.98 26.47
CA LEU A 77 3.44 15.04 26.47
C LEU A 77 2.46 15.45 25.36
N ALA A 78 2.80 16.52 24.65
CA ALA A 78 2.26 16.78 23.33
C ALA A 78 2.71 15.67 22.38
N ARG A 79 3.98 15.33 22.49
CA ARG A 79 4.56 14.16 21.82
C ARG A 79 3.87 12.87 22.24
N GLU A 80 3.65 12.69 23.53
CA GLU A 80 2.93 11.51 23.99
C GLU A 80 1.52 11.43 23.38
N TRP A 81 0.85 12.58 23.27
CA TRP A 81 -0.50 12.68 22.72
C TRP A 81 -0.51 12.30 21.24
N PHE A 82 0.42 12.86 20.47
CA PHE A 82 0.51 12.53 19.05
C PHE A 82 0.78 11.05 18.82
N PHE A 83 1.64 10.50 19.67
CA PHE A 83 1.95 9.08 19.63
C PHE A 83 0.71 8.25 19.98
N LEU A 84 0.18 8.46 21.18
CA LEU A 84 -0.92 7.63 21.66
C LEU A 84 -2.17 7.75 20.79
N LEU A 85 -2.42 8.94 20.27
CA LEU A 85 -3.68 9.18 19.55
C LEU A 85 -3.56 8.63 18.13
N SER A 86 -2.37 8.75 17.54
CA SER A 86 -2.16 8.16 16.22
C SER A 86 -2.37 6.66 16.24
N HIS A 87 -1.89 5.98 17.27
CA HIS A 87 -2.04 4.53 17.33
C HIS A 87 -3.46 4.12 17.62
N GLU A 88 -4.22 5.02 18.25
CA GLU A 88 -5.60 4.71 18.55
C GLU A 88 -6.53 4.94 17.36
N VAL A 89 -6.38 6.06 16.65
CA VAL A 89 -7.31 6.33 15.56
C VAL A 89 -7.09 5.39 14.39
N LEU A 90 -5.86 4.89 14.23
CA LEU A 90 -5.54 3.98 13.14
C LEU A 90 -5.64 2.51 13.55
N ASN A 91 -6.12 2.26 14.76
CA ASN A 91 -6.32 0.88 15.22
C ASN A 91 -7.54 0.24 14.53
N PRO A 92 -7.34 -0.88 13.81
CA PRO A 92 -8.45 -1.55 13.10
C PRO A 92 -9.61 -1.92 14.02
N MET A 93 -9.35 -1.97 15.32
CA MET A 93 -10.39 -2.11 16.34
C MET A 93 -11.59 -1.16 16.12
N TYR A 94 -11.32 0.01 15.56
CA TYR A 94 -12.37 1.04 15.41
C TYR A 94 -12.99 1.14 14.02
N CYS A 95 -12.63 0.20 13.15
CA CYS A 95 -13.25 0.03 11.81
C CYS A 95 -13.05 1.18 10.83
N LEU A 96 -12.13 2.11 11.11
CA LEU A 96 -11.90 3.20 10.19
C LEU A 96 -10.77 2.82 9.24
N PHE A 97 -9.69 2.33 9.82
CA PHE A 97 -8.57 1.81 9.05
C PHE A 97 -8.47 0.31 9.24
N GLU A 98 -7.83 -0.36 8.28
CA GLU A 98 -7.65 -1.81 8.31
C GLU A 98 -6.21 -2.15 7.86
N TYR A 99 -5.66 -3.24 8.37
CA TYR A 99 -4.35 -3.71 7.90
C TYR A 99 -4.43 -4.13 6.44
N ALA A 100 -3.38 -3.84 5.68
CA ALA A 100 -3.37 -4.07 4.24
C ALA A 100 -3.38 -5.56 3.86
N GLY A 101 -2.26 -6.24 4.07
CA GLY A 101 -2.15 -7.66 3.81
C GLY A 101 -1.59 -8.36 5.02
N LYS A 102 -2.43 -9.15 5.69
CA LYS A 102 -2.12 -9.66 7.03
C LYS A 102 -1.93 -8.43 7.94
N ASN A 103 -0.69 -7.96 8.09
CA ASN A 103 -0.41 -6.73 8.84
C ASN A 103 0.53 -5.76 8.08
N ASN A 104 1.81 -6.13 7.98
CA ASN A 104 2.89 -5.31 7.40
C ASN A 104 3.16 -3.95 8.02
N TYR A 105 2.51 -3.63 9.14
CA TYR A 105 2.57 -2.26 9.65
C TYR A 105 2.08 -1.30 8.55
N CYS A 106 1.22 -1.79 7.66
CA CYS A 106 0.63 -0.97 6.60
C CYS A 106 -0.88 -0.83 6.82
N LEU A 107 -1.37 0.40 6.82
CA LEU A 107 -2.77 0.68 7.14
C LEU A 107 -3.44 1.39 5.98
N GLN A 108 -4.70 1.01 5.70
CA GLN A 108 -5.46 1.61 4.61
C GLN A 108 -6.90 1.82 5.06
N ILE A 109 -7.64 2.66 4.35
CA ILE A 109 -9.01 2.96 4.74
C ILE A 109 -9.89 1.71 4.54
N ASN A 110 -10.65 1.38 5.57
CA ASN A 110 -11.63 0.30 5.56
C ASN A 110 -12.94 0.69 4.84
N PRO A 111 -13.30 -0.05 3.78
CA PRO A 111 -14.57 0.18 3.08
C PRO A 111 -15.79 -0.07 3.98
N ALA A 112 -15.64 -0.98 4.94
CA ALA A 112 -16.75 -1.22 5.86
C ALA A 112 -16.77 -0.21 7.04
N SER A 113 -16.11 0.94 6.90
CA SER A 113 -16.18 1.99 7.94
C SER A 113 -17.61 2.55 8.06
N THR A 114 -18.40 2.38 6.99
CA THR A 114 -19.79 2.79 6.99
C THR A 114 -20.59 2.14 8.10
N ILE A 115 -19.99 1.17 8.77
CA ILE A 115 -20.64 0.51 9.90
C ILE A 115 -21.01 1.55 10.97
N ASN A 116 -20.20 2.60 11.07
CA ASN A 116 -20.47 3.74 11.93
C ASN A 116 -21.04 4.87 11.10
N PRO A 117 -22.31 5.27 11.37
CA PRO A 117 -22.95 6.29 10.53
C PRO A 117 -22.21 7.64 10.58
N ASP A 118 -21.36 7.85 11.57
CA ASP A 118 -20.60 9.09 11.59
C ASP A 118 -19.12 8.93 11.13
N HIS A 119 -18.84 7.88 10.37
CA HIS A 119 -17.45 7.62 9.98
C HIS A 119 -16.83 8.80 9.22
N LEU A 120 -17.62 9.53 8.44
CA LEU A 120 -17.04 10.65 7.72
C LEU A 120 -16.61 11.80 8.67
N SER A 121 -17.30 11.95 9.79
CA SER A 121 -16.86 12.95 10.78
C SER A 121 -15.52 12.53 11.38
N TYR A 122 -15.33 11.23 11.60
CA TYR A 122 -14.06 10.73 12.12
C TYR A 122 -12.92 10.85 11.12
N PHE A 123 -13.20 10.63 9.84
CA PHE A 123 -12.14 10.75 8.83
C PHE A 123 -11.71 12.22 8.64
N CYS A 124 -12.65 13.14 8.76
CA CYS A 124 -12.36 14.58 8.78
C CYS A 124 -11.41 14.93 9.93
N PHE A 125 -11.71 14.41 11.11
CA PHE A 125 -10.87 14.59 12.28
C PHE A 125 -9.48 13.96 12.13
N ILE A 126 -9.41 12.77 11.52
CA ILE A 126 -8.12 12.15 11.30
C ILE A 126 -7.32 12.99 10.33
N GLY A 127 -7.98 13.49 9.29
CA GLY A 127 -7.32 14.39 8.36
C GLY A 127 -6.73 15.61 9.08
N ARG A 128 -7.55 16.25 9.90
CA ARG A 128 -7.08 17.41 10.66
C ARG A 128 -5.86 17.05 11.53
N PHE A 129 -5.94 15.91 12.20
CA PHE A 129 -4.98 15.50 13.18
C PHE A 129 -3.61 15.23 12.54
N ILE A 130 -3.60 14.56 11.38
CA ILE A 130 -2.38 14.28 10.63
C ILE A 130 -1.73 15.56 10.12
N ALA A 131 -2.56 16.46 9.59
CA ALA A 131 -2.12 17.81 9.18
C ALA A 131 -1.50 18.57 10.35
N MET A 132 -2.10 18.42 11.52
CA MET A 132 -1.61 19.08 12.74
C MET A 132 -0.21 18.59 13.10
N ALA A 133 0.01 17.30 12.96
CA ALA A 133 1.29 16.68 13.27
C ALA A 133 2.39 17.23 12.36
N LEU A 134 2.13 17.22 11.06
CA LEU A 134 3.04 17.78 10.08
C LEU A 134 3.31 19.29 10.29
N PHE A 135 2.24 20.04 10.57
CA PHE A 135 2.34 21.48 10.76
C PHE A 135 3.24 21.82 11.95
N HIS A 136 3.13 21.00 13.00
CA HIS A 136 3.86 21.21 14.24
C HIS A 136 5.18 20.44 14.29
N GLY A 137 5.53 19.80 13.18
CA GLY A 137 6.81 19.12 13.06
C GLY A 137 6.91 17.94 14.01
N LYS A 138 5.78 17.34 14.37
CA LYS A 138 5.79 16.14 15.21
C LYS A 138 5.60 14.88 14.33
N PHE A 139 6.35 13.82 14.59
CA PHE A 139 6.22 12.61 13.79
C PHE A 139 5.15 11.66 14.29
N ILE A 140 4.55 10.96 13.33
CA ILE A 140 3.50 9.97 13.52
C ILE A 140 3.89 8.60 12.98
N ASP A 141 3.50 7.53 13.66
CA ASP A 141 3.56 6.20 13.06
C ASP A 141 2.27 5.86 12.31
N THR A 142 2.07 6.45 11.13
CA THR A 142 0.99 5.98 10.28
C THR A 142 1.51 4.79 9.53
N GLY A 143 0.62 3.99 8.95
CA GLY A 143 1.09 2.90 8.13
C GLY A 143 0.68 3.15 6.69
N PHE A 144 0.50 4.42 6.35
CA PHE A 144 -0.05 4.77 5.05
C PHE A 144 0.90 4.28 3.98
N SER A 145 0.34 3.78 2.90
CA SER A 145 1.12 3.22 1.82
C SER A 145 1.59 4.37 0.95
N LEU A 146 2.61 4.13 0.13
CA LEU A 146 3.04 5.13 -0.84
C LEU A 146 1.96 5.51 -1.87
N PRO A 147 1.11 4.54 -2.31
CA PRO A 147 -0.02 4.99 -3.14
C PRO A 147 -1.01 5.92 -2.41
N PHE A 148 -1.24 5.72 -1.11
CA PHE A 148 -2.03 6.68 -0.33
C PHE A 148 -1.40 8.08 -0.31
N TYR A 149 -0.09 8.15 -0.09
CA TYR A 149 0.62 9.43 -0.16
C TYR A 149 0.54 10.03 -1.57
N LYS A 150 0.59 9.19 -2.61
CA LYS A 150 0.50 9.70 -3.98
C LYS A 150 -0.86 10.35 -4.20
N ARG A 151 -1.89 9.77 -3.60
CA ARG A 151 -3.21 10.38 -3.63
C ARG A 151 -3.23 11.74 -2.91
N MET A 152 -2.58 11.84 -1.75
CA MET A 152 -2.55 13.14 -1.06
C MET A 152 -1.90 14.23 -1.93
N LEU A 153 -0.95 13.81 -2.77
CA LEU A 153 -0.23 14.72 -3.67
C LEU A 153 -0.90 14.87 -5.05
N SER A 154 -2.05 14.23 -5.23
CA SER A 154 -2.77 14.19 -6.52
C SER A 154 -1.87 13.69 -7.66
N LYS A 155 -1.01 12.71 -7.38
CA LYS A 155 -0.14 12.13 -8.42
C LYS A 155 -0.81 10.90 -9.08
N LYS A 156 -0.51 10.66 -10.35
CA LYS A 156 -1.09 9.53 -11.07
C LYS A 156 -0.73 8.22 -10.38
N LEU A 157 -1.76 7.41 -10.14
CA LEU A 157 -1.60 6.07 -9.59
C LEU A 157 -1.40 5.11 -10.75
N THR A 158 -0.39 4.24 -10.68
CA THR A 158 0.01 3.39 -11.81
C THR A 158 -0.28 1.90 -11.57
N ILE A 159 -0.03 1.06 -12.57
CA ILE A 159 -0.34 -0.34 -12.39
C ILE A 159 0.70 -0.99 -11.47
N LYS A 160 1.92 -0.48 -11.43
CA LYS A 160 2.85 -0.96 -10.42
C LYS A 160 2.35 -0.56 -9.02
N ASP A 161 1.84 0.66 -8.89
CA ASP A 161 1.18 1.08 -7.64
C ASP A 161 0.14 0.03 -7.25
N LEU A 162 -0.55 -0.53 -8.23
CA LEU A 162 -1.58 -1.52 -7.98
C LEU A 162 -1.02 -2.80 -7.36
N GLU A 163 0.11 -3.28 -7.88
CA GLU A 163 0.78 -4.47 -7.34
C GLU A 163 1.06 -4.34 -5.84
N SER A 164 1.31 -3.11 -5.40
CA SER A 164 1.57 -2.82 -4.00
C SER A 164 0.30 -2.91 -3.14
N ILE A 165 -0.87 -2.76 -3.77
CA ILE A 165 -2.17 -2.70 -3.07
C ILE A 165 -2.97 -4.02 -3.08
N ASP A 166 -2.88 -4.78 -4.16
CA ASP A 166 -3.68 -5.99 -4.33
C ASP A 166 -2.98 -6.84 -5.38
N THR A 167 -2.04 -7.67 -4.92
CA THR A 167 -1.18 -8.47 -5.80
C THR A 167 -1.95 -9.38 -6.76
N GLU A 168 -2.95 -10.10 -6.26
CA GLU A 168 -3.67 -11.05 -7.13
C GLU A 168 -4.55 -10.35 -8.17
N PHE A 169 -5.19 -9.26 -7.77
CA PHE A 169 -5.92 -8.41 -8.69
C PHE A 169 -4.98 -7.92 -9.79
N TYR A 170 -3.84 -7.40 -9.37
CA TYR A 170 -2.80 -7.00 -10.31
C TYR A 170 -2.38 -8.15 -11.25
N ASN A 171 -2.13 -9.32 -10.69
CA ASN A 171 -1.72 -10.48 -11.48
C ASN A 171 -2.76 -10.90 -12.52
N SER A 172 -4.02 -10.66 -12.19
CA SER A 172 -5.11 -11.05 -13.06
C SER A 172 -5.21 -10.12 -14.25
N LEU A 173 -4.96 -8.84 -14.00
CA LEU A 173 -4.93 -7.82 -15.04
C LEU A 173 -3.73 -8.05 -15.98
N ILE A 174 -2.61 -8.49 -15.41
CA ILE A 174 -1.43 -8.82 -16.20
C ILE A 174 -1.71 -10.01 -17.13
N TRP A 175 -2.31 -11.05 -16.57
CA TRP A 175 -2.71 -12.22 -17.35
C TRP A 175 -3.64 -11.84 -18.50
N ILE A 176 -4.63 -10.99 -18.25
CA ILE A 176 -5.46 -10.45 -19.33
C ILE A 176 -4.61 -9.74 -20.36
N ARG A 177 -3.72 -8.88 -19.88
CA ARG A 177 -2.87 -8.06 -20.74
C ARG A 177 -2.02 -8.90 -21.69
N ASP A 178 -1.53 -10.02 -21.20
CA ASP A 178 -0.54 -10.81 -21.93
C ASP A 178 -1.15 -11.89 -22.79
N ASN A 179 -2.37 -12.31 -22.47
CA ASN A 179 -2.98 -13.41 -23.19
C ASN A 179 -4.11 -12.98 -24.13
N ASN A 180 -4.33 -13.74 -25.19
CA ASN A 180 -5.42 -13.42 -26.09
C ASN A 180 -6.71 -13.93 -25.47
N ILE A 181 -7.52 -12.99 -25.02
CA ILE A 181 -8.75 -13.30 -24.32
C ILE A 181 -9.82 -13.82 -25.28
N GLU A 182 -9.69 -13.48 -26.56
CA GLU A 182 -10.68 -13.92 -27.55
C GLU A 182 -10.50 -15.39 -27.93
N GLU A 183 -9.25 -15.86 -27.96
CA GLU A 183 -8.96 -17.26 -28.23
C GLU A 183 -9.37 -18.16 -27.08
N CYS A 184 -9.25 -17.64 -25.86
CA CYS A 184 -9.77 -18.29 -24.66
C CYS A 184 -11.29 -18.22 -24.61
N GLY A 185 -11.87 -17.29 -25.35
CA GLY A 185 -13.32 -17.12 -25.35
C GLY A 185 -13.89 -16.50 -24.07
N LEU A 186 -13.13 -15.63 -23.44
CA LEU A 186 -13.55 -14.99 -22.18
C LEU A 186 -14.78 -14.13 -22.35
N GLU A 187 -15.68 -14.19 -21.38
CA GLU A 187 -16.81 -13.25 -21.35
C GLU A 187 -16.65 -12.29 -20.16
N MET A 188 -16.30 -11.05 -20.45
CA MET A 188 -16.16 -10.03 -19.40
C MET A 188 -16.78 -8.73 -19.89
N TYR A 189 -17.28 -7.90 -18.99
CA TYR A 189 -17.90 -6.63 -19.36
C TYR A 189 -17.30 -5.44 -18.61
N PHE A 190 -17.49 -4.24 -19.17
CA PHE A 190 -17.02 -3.00 -18.54
C PHE A 190 -17.89 -2.59 -17.35
N SER A 191 -18.01 -3.47 -16.36
CA SER A 191 -18.75 -3.15 -15.16
C SER A 191 -18.18 -4.00 -14.04
N VAL A 192 -18.24 -3.49 -12.82
CA VAL A 192 -17.73 -4.22 -11.67
C VAL A 192 -18.66 -4.10 -10.45
N ASP A 193 -18.88 -5.23 -9.78
CA ASP A 193 -19.71 -5.25 -8.59
C ASP A 193 -18.83 -5.19 -7.36
N MET A 194 -19.38 -4.64 -6.29
CA MET A 194 -18.66 -4.47 -5.04
C MET A 194 -19.56 -4.87 -3.88
N GLU A 195 -19.10 -5.77 -3.04
CA GLU A 195 -19.88 -6.18 -1.88
C GLU A 195 -19.26 -5.58 -0.62
N ILE A 196 -20.04 -4.82 0.14
CA ILE A 196 -19.56 -4.25 1.39
C ILE A 196 -20.63 -4.42 2.46
N LEU A 197 -20.26 -5.10 3.53
CA LEU A 197 -21.16 -5.43 4.63
C LEU A 197 -22.39 -6.16 4.07
N GLY A 198 -22.19 -7.01 3.06
CA GLY A 198 -23.31 -7.74 2.50
C GLY A 198 -24.16 -7.00 1.48
N LYS A 199 -23.81 -5.76 1.18
CA LYS A 199 -24.58 -5.00 0.19
C LYS A 199 -23.82 -4.94 -1.11
N VAL A 200 -24.47 -5.26 -2.21
CA VAL A 200 -23.82 -5.26 -3.51
C VAL A 200 -24.22 -4.01 -4.30
N THR A 201 -23.23 -3.28 -4.81
CA THR A 201 -23.54 -2.16 -5.68
C THR A 201 -22.76 -2.30 -7.00
N SER A 202 -23.40 -1.95 -8.11
CA SER A 202 -22.79 -2.12 -9.42
C SER A 202 -22.30 -0.78 -9.96
N HIS A 203 -21.19 -0.86 -10.69
CA HIS A 203 -20.50 0.32 -11.21
C HIS A 203 -20.06 0.07 -12.65
N ASP A 204 -20.65 0.83 -13.57
CA ASP A 204 -20.22 0.83 -14.95
C ASP A 204 -18.91 1.62 -15.08
N LEU A 205 -17.91 1.02 -15.70
CA LEU A 205 -16.59 1.63 -15.85
C LEU A 205 -16.60 2.57 -17.05
N LYS A 206 -17.72 2.47 -17.79
CA LYS A 206 -17.95 3.14 -19.06
C LYS A 206 -19.47 3.29 -19.16
N LEU A 207 -19.98 4.31 -19.84
CA LEU A 207 -21.42 4.51 -19.89
C LEU A 207 -22.10 3.31 -20.51
N GLY A 208 -23.03 2.70 -19.78
CA GLY A 208 -23.74 1.53 -20.26
C GLY A 208 -22.84 0.31 -20.30
N GLY A 209 -21.92 0.27 -19.34
CA GLY A 209 -20.84 -0.71 -19.34
C GLY A 209 -21.10 -2.19 -19.52
N SER A 210 -22.34 -2.68 -19.57
CA SER A 210 -22.34 -4.09 -19.99
C SER A 210 -22.29 -4.23 -21.50
N ASN A 211 -21.07 -4.56 -21.90
CA ASN A 211 -20.39 -4.05 -23.07
C ASN A 211 -19.05 -4.84 -23.01
N ILE A 212 -18.81 -5.68 -24.01
CA ILE A 212 -17.86 -6.80 -23.86
C ILE A 212 -16.37 -6.41 -24.03
N LEU A 213 -15.51 -7.03 -23.22
CA LEU A 213 -14.08 -6.86 -23.34
C LEU A 213 -13.56 -7.68 -24.49
N VAL A 214 -12.80 -7.04 -25.37
CA VAL A 214 -12.26 -7.72 -26.54
C VAL A 214 -10.75 -7.64 -26.44
N THR A 215 -10.05 -8.50 -27.18
CA THR A 215 -8.61 -8.52 -27.11
C THR A 215 -8.19 -7.11 -27.43
N GLU A 216 -8.81 -6.45 -28.41
CA GLU A 216 -8.34 -5.10 -28.50
C GLU A 216 -9.15 -4.13 -29.37
N GLU A 217 -9.08 -2.85 -29.03
CA GLU A 217 -8.28 -2.57 -27.86
C GLU A 217 -8.88 -1.88 -26.74
N ASN A 218 -10.04 -2.39 -26.34
CA ASN A 218 -10.60 -2.01 -25.08
C ASN A 218 -10.07 -2.85 -23.90
N LYS A 219 -9.29 -3.90 -24.14
CA LYS A 219 -8.82 -4.66 -22.98
C LYS A 219 -7.76 -3.82 -22.24
N ASP A 220 -6.97 -3.07 -23.00
CA ASP A 220 -6.05 -2.09 -22.41
C ASP A 220 -6.85 -1.01 -21.71
N GLU A 221 -7.89 -0.52 -22.38
CA GLU A 221 -8.78 0.45 -21.77
C GLU A 221 -9.47 -0.14 -20.54
N TYR A 222 -9.89 -1.41 -20.61
CA TYR A 222 -10.50 -2.09 -19.47
C TYR A 222 -9.56 -2.16 -18.28
N ILE A 223 -8.32 -2.53 -18.57
CA ILE A 223 -7.31 -2.76 -17.55
C ILE A 223 -7.04 -1.46 -16.79
N GLY A 224 -6.93 -0.35 -17.53
CA GLY A 224 -6.71 0.96 -16.92
C GLY A 224 -7.89 1.48 -16.13
N LEU A 225 -9.09 1.14 -16.57
CA LEU A 225 -10.30 1.52 -15.83
C LEU A 225 -10.42 0.72 -14.54
N MET A 226 -10.14 -0.59 -14.61
CA MET A 226 -10.11 -1.46 -13.42
C MET A 226 -9.03 -1.00 -12.42
N THR A 227 -7.89 -0.59 -12.96
CA THR A 227 -6.82 -0.05 -12.13
C THR A 227 -7.25 1.18 -11.35
N GLU A 228 -7.72 2.21 -12.06
CA GLU A 228 -8.24 3.43 -11.43
C GLU A 228 -9.38 3.12 -10.45
N TRP A 229 -10.31 2.24 -10.83
CA TRP A 229 -11.40 1.87 -9.94
C TRP A 229 -10.91 1.18 -8.65
N ARG A 230 -9.94 0.28 -8.76
CA ARG A 230 -9.48 -0.51 -7.62
C ARG A 230 -8.86 0.35 -6.49
N PHE A 231 -8.15 1.41 -6.87
CA PHE A 231 -7.47 2.25 -5.87
C PHE A 231 -8.43 2.91 -4.88
N SER A 232 -9.62 3.27 -5.34
CA SER A 232 -10.55 3.97 -4.46
C SER A 232 -11.77 3.12 -4.13
N ARG A 233 -11.63 1.80 -4.31
CA ARG A 233 -12.76 0.86 -4.17
C ARG A 233 -13.43 0.96 -2.80
N GLY A 234 -14.69 1.39 -2.79
CA GLY A 234 -15.44 1.55 -1.54
C GLY A 234 -14.91 2.57 -0.52
N VAL A 235 -13.98 3.44 -0.93
CA VAL A 235 -13.42 4.42 0.01
C VAL A 235 -13.38 5.84 -0.53
N GLN A 236 -14.16 6.12 -1.57
CA GLN A 236 -14.13 7.49 -2.11
C GLN A 236 -14.57 8.55 -1.10
N GLU A 237 -15.70 8.34 -0.42
CA GLU A 237 -16.19 9.36 0.51
C GLU A 237 -15.27 9.51 1.73
N GLN A 238 -14.77 8.38 2.25
CA GLN A 238 -13.83 8.40 3.37
C GLN A 238 -12.58 9.17 3.00
N THR A 239 -12.07 8.94 1.78
CA THR A 239 -10.83 9.55 1.31
C THR A 239 -11.03 11.05 1.12
N LYS A 240 -12.17 11.44 0.54
CA LYS A 240 -12.48 12.87 0.44
C LYS A 240 -12.56 13.54 1.82
N ALA A 241 -13.21 12.88 2.77
CA ALA A 241 -13.37 13.47 4.12
C ALA A 241 -12.01 13.65 4.79
N PHE A 242 -11.13 12.65 4.62
CA PHE A 242 -9.77 12.74 5.14
C PHE A 242 -9.02 13.94 4.53
N LEU A 243 -9.01 14.01 3.21
CA LEU A 243 -8.28 15.03 2.47
C LEU A 243 -8.80 16.44 2.76
N ASP A 244 -10.12 16.58 2.88
CA ASP A 244 -10.74 17.86 3.22
C ASP A 244 -10.35 18.33 4.62
N GLY A 245 -10.37 17.43 5.59
CA GLY A 245 -9.97 17.78 6.95
C GLY A 245 -8.51 18.21 6.99
N PHE A 246 -7.66 17.43 6.30
CA PHE A 246 -6.23 17.72 6.20
C PHE A 246 -6.04 19.11 5.62
N ASN A 247 -6.65 19.32 4.45
CA ASN A 247 -6.48 20.57 3.70
C ASN A 247 -6.87 21.81 4.52
N GLU A 248 -7.84 21.67 5.42
CA GLU A 248 -8.25 22.74 6.33
C GLU A 248 -7.11 23.26 7.22
N VAL A 249 -6.18 22.38 7.58
CA VAL A 249 -5.11 22.73 8.49
C VAL A 249 -3.83 23.04 7.72
N VAL A 250 -3.41 22.09 6.88
CA VAL A 250 -2.26 22.26 5.98
C VAL A 250 -2.77 22.17 4.54
N PRO A 251 -2.74 23.29 3.80
CA PRO A 251 -3.19 23.19 2.41
C PRO A 251 -2.42 22.11 1.68
N LEU A 252 -3.15 21.24 0.99
CA LEU A 252 -2.52 20.14 0.26
C LEU A 252 -1.52 20.68 -0.75
N GLN A 253 -1.78 21.89 -1.24
CA GLN A 253 -0.90 22.55 -2.20
C GLN A 253 0.53 22.75 -1.63
N TRP A 254 0.64 22.89 -0.31
CA TRP A 254 1.96 23.06 0.33
C TRP A 254 2.85 21.82 0.20
N LEU A 255 2.21 20.67 0.04
CA LEU A 255 2.91 19.40 -0.06
C LEU A 255 3.56 19.21 -1.43
N GLN A 256 3.30 20.13 -2.34
CA GLN A 256 3.73 19.89 -3.72
C GLN A 256 5.25 20.06 -3.88
N TYR A 257 5.95 20.39 -2.81
CA TYR A 257 7.43 20.32 -2.82
C TYR A 257 7.90 18.87 -2.95
N PHE A 258 7.05 17.92 -2.55
CA PHE A 258 7.50 16.57 -2.22
C PHE A 258 7.02 15.47 -3.17
N ASP A 259 7.76 14.38 -3.25
CA ASP A 259 7.19 13.17 -3.83
C ASP A 259 6.67 12.30 -2.69
N GLU A 260 6.05 11.17 -3.03
CA GLU A 260 5.34 10.39 -2.01
C GLU A 260 6.29 9.79 -0.96
N LYS A 261 7.52 9.47 -1.38
CA LYS A 261 8.49 8.92 -0.47
C LYS A 261 9.05 10.01 0.46
N GLU A 262 9.24 11.21 -0.07
CA GLU A 262 9.67 12.35 0.75
C GLU A 262 8.60 12.72 1.75
N LEU A 263 7.34 12.68 1.30
CA LEU A 263 6.21 12.96 2.17
C LEU A 263 6.18 11.97 3.33
N GLU A 264 6.45 10.70 3.04
CA GLU A 264 6.43 9.66 4.08
C GLU A 264 7.48 9.96 5.15
N VAL A 265 8.64 10.42 4.71
CA VAL A 265 9.73 10.78 5.63
C VAL A 265 9.38 12.03 6.46
N MET A 266 8.85 13.04 5.79
CA MET A 266 8.27 14.23 6.43
C MET A 266 7.34 13.92 7.61
N LEU A 267 6.47 12.95 7.40
CA LEU A 267 5.40 12.61 8.34
C LEU A 267 5.85 11.66 9.43
N CYS A 268 6.62 10.64 9.05
CA CYS A 268 6.93 9.54 9.96
C CYS A 268 8.34 9.67 10.56
N GLY A 269 9.18 10.48 9.95
CA GLY A 269 10.54 10.70 10.45
C GLY A 269 11.58 9.76 9.87
N MET A 270 12.84 10.09 10.10
CA MET A 270 13.97 9.27 9.70
C MET A 270 14.21 8.12 10.68
N GLN A 271 14.70 7.00 10.16
CA GLN A 271 15.16 5.88 10.98
C GLN A 271 16.62 5.57 10.62
N GLU A 272 17.41 5.16 11.61
CA GLU A 272 18.78 4.71 11.36
C GLU A 272 18.78 3.25 10.89
N VAL A 273 19.20 3.02 9.65
CA VAL A 273 19.21 1.66 9.13
C VAL A 273 20.53 0.95 9.43
N ASP A 274 20.47 -0.12 10.23
CA ASP A 274 21.65 -0.90 10.60
C ASP A 274 22.05 -1.89 9.49
N LEU A 275 23.22 -1.66 8.89
CA LEU A 275 23.75 -2.52 7.83
C LEU A 275 23.84 -3.99 8.24
N ALA A 276 24.40 -4.26 9.42
CA ALA A 276 24.62 -5.65 9.85
C ALA A 276 23.32 -6.43 9.97
N ASP A 277 22.30 -5.79 10.55
CA ASP A 277 20.99 -6.42 10.73
C ASP A 277 20.33 -6.74 9.39
N TRP A 278 20.49 -5.81 8.45
CA TRP A 278 19.97 -5.93 7.08
C TRP A 278 20.63 -7.10 6.33
N GLN A 279 21.96 -7.08 6.25
CA GLN A 279 22.73 -8.11 5.52
C GLN A 279 22.44 -9.52 6.04
N ARG A 280 22.37 -9.65 7.36
CA ARG A 280 22.17 -10.94 8.00
C ARG A 280 20.78 -11.52 7.72
N ASN A 281 19.82 -10.64 7.43
CA ASN A 281 18.45 -11.09 7.25
C ASN A 281 17.96 -11.02 5.80
N THR A 282 18.89 -10.88 4.86
CA THR A 282 18.52 -10.86 3.46
C THR A 282 18.67 -12.24 2.82
N VAL A 283 17.66 -12.65 2.05
CA VAL A 283 17.72 -13.90 1.31
C VAL A 283 17.80 -13.64 -0.21
N TYR A 284 18.17 -14.68 -0.95
CA TYR A 284 18.47 -14.53 -2.37
C TYR A 284 17.74 -15.55 -3.22
N ARG A 285 17.42 -15.17 -4.45
CA ARG A 285 16.96 -16.13 -5.46
C ARG A 285 17.78 -16.01 -6.73
N HIS A 286 18.38 -17.12 -7.15
CA HIS A 286 19.31 -17.17 -8.28
C HIS A 286 20.55 -16.29 -8.06
N TYR A 287 20.86 -16.04 -6.79
CA TYR A 287 22.08 -15.35 -6.32
C TYR A 287 22.45 -16.05 -5.03
N THR A 288 23.68 -15.89 -4.58
CA THR A 288 24.04 -16.22 -3.20
C THR A 288 24.84 -15.04 -2.63
N ARG A 289 25.25 -15.14 -1.37
CA ARG A 289 26.12 -14.15 -0.76
C ARG A 289 27.51 -14.10 -1.44
N ASN A 290 27.75 -15.08 -2.32
CA ASN A 290 29.02 -15.19 -3.03
C ASN A 290 28.91 -14.72 -4.48
N SER A 291 27.72 -14.29 -4.88
CA SER A 291 27.57 -13.65 -6.18
C SER A 291 28.23 -12.29 -6.11
N LYS A 292 28.99 -11.92 -7.13
CA LYS A 292 29.70 -10.64 -7.08
C LYS A 292 28.75 -9.44 -7.07
N GLN A 293 27.55 -9.62 -7.60
CA GLN A 293 26.53 -8.54 -7.57
C GLN A 293 26.01 -8.33 -6.16
N ILE A 294 25.92 -9.41 -5.40
CA ILE A 294 25.51 -9.30 -4.02
C ILE A 294 26.61 -8.67 -3.16
N ILE A 295 27.85 -9.04 -3.41
CA ILE A 295 28.98 -8.42 -2.71
C ILE A 295 29.02 -6.93 -3.00
N TRP A 296 28.78 -6.57 -4.26
CA TRP A 296 28.74 -5.18 -4.66
C TRP A 296 27.56 -4.46 -4.00
N PHE A 297 26.43 -5.15 -3.92
CA PHE A 297 25.24 -4.57 -3.32
C PHE A 297 25.51 -4.13 -1.88
N TRP A 298 26.08 -5.02 -1.08
CA TRP A 298 26.35 -4.69 0.31
C TRP A 298 27.49 -3.68 0.49
N GLN A 299 28.35 -3.58 -0.51
CA GLN A 299 29.40 -2.57 -0.48
C GLN A 299 28.77 -1.20 -0.76
N PHE A 300 27.85 -1.20 -1.71
CA PHE A 300 27.03 -0.02 -2.01
C PHE A 300 26.31 0.48 -0.77
N VAL A 301 25.61 -0.41 -0.09
CA VAL A 301 24.84 -0.06 1.08
C VAL A 301 25.77 0.49 2.19
N LYS A 302 26.96 -0.07 2.25
CA LYS A 302 27.96 0.38 3.20
C LYS A 302 28.39 1.83 2.92
N GLU A 303 28.62 2.19 1.66
CA GLU A 303 29.16 3.52 1.35
C GLU A 303 28.13 4.64 1.40
N THR A 304 26.86 4.25 1.51
CA THR A 304 25.81 5.21 1.27
C THR A 304 25.28 5.78 2.60
N ASP A 305 24.82 7.02 2.60
CA ASP A 305 24.31 7.59 3.85
C ASP A 305 22.90 7.11 4.14
N ASN A 306 22.39 7.46 5.31
CA ASN A 306 21.11 6.90 5.75
C ASN A 306 19.96 7.36 4.88
N GLU A 307 20.04 8.57 4.34
CA GLU A 307 18.98 9.06 3.47
C GLU A 307 18.88 8.23 2.17
N VAL A 308 20.00 7.76 1.64
CA VAL A 308 19.94 6.90 0.46
C VAL A 308 19.48 5.50 0.84
N ARG A 309 19.90 5.01 2.02
CA ARG A 309 19.42 3.73 2.55
C ARG A 309 17.90 3.66 2.70
N MET A 310 17.31 4.75 3.19
CA MET A 310 15.87 4.85 3.39
C MET A 310 15.16 4.85 2.06
N ARG A 311 15.75 5.53 1.10
CA ARG A 311 15.10 5.59 -0.19
C ARG A 311 15.18 4.24 -0.89
N LEU A 312 16.22 3.46 -0.59
CA LEU A 312 16.34 2.08 -1.10
C LEU A 312 15.34 1.15 -0.41
N LEU A 313 15.25 1.26 0.91
CA LEU A 313 14.18 0.60 1.68
C LEU A 313 12.77 0.88 1.15
N GLN A 314 12.49 2.13 0.81
CA GLN A 314 11.15 2.48 0.29
C GLN A 314 10.90 1.83 -1.07
N PHE A 315 11.93 1.82 -1.90
CA PHE A 315 11.90 1.19 -3.22
C PHE A 315 11.52 -0.27 -3.15
N VAL A 316 12.13 -1.01 -2.22
CA VAL A 316 11.98 -2.47 -2.20
C VAL A 316 10.83 -2.94 -1.30
N THR A 317 10.63 -2.25 -0.18
CA THR A 317 9.60 -2.65 0.79
C THR A 317 8.36 -1.73 0.86
N GLY A 318 8.44 -0.56 0.24
CA GLY A 318 7.30 0.35 0.19
C GLY A 318 7.19 1.27 1.38
N THR A 319 8.23 1.31 2.23
CA THR A 319 8.24 2.20 3.39
C THR A 319 9.65 2.42 3.91
N CYS A 320 9.87 3.59 4.53
CA CYS A 320 11.16 3.94 5.11
C CYS A 320 11.25 3.42 6.53
N ARG A 321 10.13 2.91 7.03
CA ARG A 321 10.01 2.53 8.43
C ARG A 321 10.37 1.07 8.63
N LEU A 322 11.14 0.78 9.68
CA LEU A 322 11.52 -0.59 9.98
C LEU A 322 10.70 -1.14 11.12
N PRO A 323 10.35 -2.43 11.06
CA PRO A 323 9.57 -3.09 12.10
C PRO A 323 10.34 -3.15 13.41
N LEU A 324 9.64 -3.11 14.53
CA LEU A 324 10.26 -3.40 15.81
C LEU A 324 10.78 -4.84 15.75
N GLY A 325 12.08 -5.00 15.96
CA GLY A 325 12.68 -6.31 15.85
C GLY A 325 13.57 -6.45 14.62
N GLY A 326 13.81 -5.33 13.94
CA GLY A 326 14.70 -5.29 12.80
C GLY A 326 14.23 -6.01 11.57
N PHE A 327 15.17 -6.23 10.64
CA PHE A 327 14.90 -6.90 9.36
C PHE A 327 14.50 -8.36 9.52
N ALA A 328 14.75 -8.94 10.69
CA ALA A 328 14.37 -10.34 10.93
C ALA A 328 12.85 -10.48 10.99
N GLU A 329 12.18 -9.38 11.29
CA GLU A 329 10.73 -9.38 11.42
C GLU A 329 10.04 -8.63 10.28
N LEU A 330 10.71 -8.58 9.13
CA LEU A 330 10.15 -7.89 7.97
C LEU A 330 8.91 -8.62 7.48
N MET A 331 7.83 -7.86 7.30
CA MET A 331 6.58 -8.43 6.81
C MET A 331 6.36 -8.10 5.34
N GLY A 332 5.74 -9.03 4.62
CA GLY A 332 5.33 -8.80 3.25
C GLY A 332 3.83 -8.97 3.23
N SER A 333 3.16 -8.59 2.14
CA SER A 333 1.70 -8.59 2.11
C SER A 333 1.08 -9.99 2.14
N ASN A 334 1.90 -10.99 2.44
CA ASN A 334 1.48 -12.38 2.48
C ASN A 334 1.95 -13.02 3.79
N GLY A 335 2.39 -12.19 4.71
CA GLY A 335 3.01 -12.67 5.94
C GLY A 335 4.50 -12.35 5.95
N PRO A 336 5.21 -12.80 6.99
CA PRO A 336 6.66 -12.58 7.17
C PRO A 336 7.46 -12.94 5.92
N GLN A 337 8.19 -11.96 5.42
CA GLN A 337 9.00 -12.12 4.23
C GLN A 337 10.24 -11.24 4.32
N LYS A 338 11.40 -11.87 4.54
CA LYS A 338 12.67 -11.16 4.62
C LYS A 338 13.01 -10.45 3.32
N PHE A 339 13.78 -9.38 3.44
CA PHE A 339 14.35 -8.67 2.29
C PHE A 339 14.93 -9.70 1.31
N CYS A 340 14.59 -9.59 0.04
CA CYS A 340 14.99 -10.63 -0.92
C CYS A 340 15.57 -10.00 -2.14
N ILE A 341 16.67 -10.56 -2.64
CA ILE A 341 17.27 -10.05 -3.86
C ILE A 341 17.33 -11.18 -4.89
N GLU A 342 16.74 -10.94 -6.05
CA GLU A 342 16.62 -11.94 -7.10
C GLU A 342 17.30 -11.49 -8.38
N LYS A 343 18.03 -12.41 -9.02
CA LYS A 343 18.69 -12.12 -10.28
C LYS A 343 17.69 -12.24 -11.41
N VAL A 344 17.57 -11.19 -12.22
CA VAL A 344 16.68 -11.18 -13.39
C VAL A 344 17.35 -10.45 -14.54
N GLY A 345 16.95 -10.79 -15.77
CA GLY A 345 17.31 -10.04 -16.95
C GLY A 345 18.79 -9.90 -17.29
N LYS A 346 19.13 -8.76 -17.88
CA LYS A 346 20.46 -8.54 -18.41
C LYS A 346 21.08 -7.28 -17.81
N ASP A 347 22.38 -7.07 -18.01
CA ASP A 347 23.06 -5.88 -17.48
C ASP A 347 22.47 -4.61 -18.04
N THR A 348 21.74 -4.73 -19.14
CA THR A 348 21.03 -3.62 -19.76
C THR A 348 19.89 -3.08 -18.88
N TRP A 349 19.18 -3.99 -18.22
CA TRP A 349 17.97 -3.65 -17.46
C TRP A 349 18.21 -2.71 -16.27
N LEU A 350 17.17 -1.95 -15.91
CA LEU A 350 17.20 -1.19 -14.66
C LEU A 350 16.73 -2.11 -13.53
N PRO A 351 17.08 -1.77 -12.28
CA PRO A 351 16.54 -2.59 -11.19
C PRO A 351 15.03 -2.39 -11.08
N ARG A 352 14.32 -3.41 -10.61
CA ARG A 352 12.91 -3.29 -10.35
C ARG A 352 12.60 -3.87 -8.95
N SER A 353 11.38 -3.69 -8.47
CA SER A 353 11.03 -4.22 -7.16
C SER A 353 9.59 -4.67 -7.09
N HIS A 354 9.30 -5.54 -6.11
CA HIS A 354 7.93 -5.91 -5.77
C HIS A 354 7.76 -5.69 -4.26
N THR A 355 7.14 -4.57 -3.88
CA THR A 355 7.11 -4.15 -2.47
C THR A 355 6.32 -5.13 -1.60
N CYS A 356 5.32 -5.77 -2.19
CA CYS A 356 4.50 -6.76 -1.51
C CYS A 356 5.31 -7.98 -1.05
N PHE A 357 6.47 -8.21 -1.68
CA PHE A 357 7.31 -9.35 -1.33
C PHE A 357 8.67 -8.90 -0.78
N ASN A 358 8.84 -7.59 -0.59
CA ASN A 358 10.12 -7.01 -0.18
C ASN A 358 11.24 -7.55 -1.09
N ARG A 359 11.04 -7.45 -2.41
CA ARG A 359 11.92 -8.11 -3.36
C ARG A 359 12.53 -7.14 -4.34
N LEU A 360 13.85 -7.11 -4.36
CA LEU A 360 14.60 -6.35 -5.35
C LEU A 360 14.97 -7.27 -6.52
N ASP A 361 14.59 -6.91 -7.74
CA ASP A 361 15.11 -7.63 -8.92
C ASP A 361 16.40 -6.96 -9.37
N LEU A 362 17.52 -7.57 -9.02
CA LEU A 362 18.83 -6.99 -9.35
C LEU A 362 19.46 -7.70 -10.56
N PRO A 363 19.52 -7.01 -11.71
CA PRO A 363 20.15 -7.56 -12.93
C PRO A 363 21.62 -7.86 -12.71
N PRO A 364 22.20 -8.81 -13.49
CA PRO A 364 23.58 -9.23 -13.25
C PRO A 364 24.61 -8.25 -13.83
N TYR A 365 24.75 -7.09 -13.18
CA TYR A 365 25.62 -6.03 -13.69
C TYR A 365 27.08 -6.47 -13.76
N LYS A 366 27.84 -5.78 -14.62
CA LYS A 366 29.16 -6.25 -15.00
C LYS A 366 30.27 -5.64 -14.15
N SER A 367 29.96 -4.55 -13.46
CA SER A 367 30.94 -3.92 -12.57
C SER A 367 30.27 -3.31 -11.35
N TYR A 368 31.08 -3.02 -10.33
CA TYR A 368 30.58 -2.33 -9.17
C TYR A 368 30.01 -0.97 -9.55
N GLU A 369 30.76 -0.23 -10.35
CA GLU A 369 30.32 1.11 -10.77
C GLU A 369 28.99 1.06 -11.53
N GLN A 370 28.83 0.06 -12.39
CA GLN A 370 27.58 -0.08 -13.15
C GLN A 370 26.40 -0.32 -12.22
N LEU A 371 26.61 -1.17 -11.22
CA LEU A 371 25.57 -1.48 -10.25
C LEU A 371 25.20 -0.23 -9.43
N LYS A 372 26.23 0.49 -8.98
CA LYS A 372 26.00 1.71 -8.20
C LYS A 372 25.18 2.70 -9.00
N GLU A 373 25.57 2.92 -10.26
CA GLU A 373 24.89 3.93 -11.06
C GLU A 373 23.44 3.54 -11.36
N LYS A 374 23.22 2.29 -11.75
CA LYS A 374 21.90 1.77 -12.08
C LYS A 374 20.95 1.81 -10.88
N LEU A 375 21.43 1.32 -9.74
CA LEU A 375 20.63 1.24 -8.53
C LEU A 375 20.25 2.63 -7.99
N LEU A 376 21.22 3.56 -7.98
CA LEU A 376 20.94 4.93 -7.57
C LEU A 376 19.90 5.56 -8.48
N PHE A 377 19.98 5.31 -9.77
CA PHE A 377 18.98 5.84 -10.68
C PHE A 377 17.61 5.29 -10.32
N ALA A 378 17.55 3.98 -10.09
CA ALA A 378 16.27 3.30 -9.84
C ALA A 378 15.60 3.76 -8.54
N ILE A 379 16.36 4.00 -7.49
CA ILE A 379 15.72 4.31 -6.23
C ILE A 379 15.46 5.81 -6.11
N GLU A 380 16.21 6.62 -6.85
CA GLU A 380 16.05 8.08 -6.77
C GLU A 380 15.15 8.67 -7.86
N GLU A 381 15.03 7.96 -8.98
CA GLU A 381 14.24 8.48 -10.10
C GLU A 381 13.10 7.56 -10.57
N THR A 382 12.35 6.97 -9.63
CA THR A 382 11.27 6.02 -10.00
C THR A 382 9.93 6.11 -9.29
N GLU A 383 9.21 4.97 -9.33
CA GLU A 383 7.88 4.71 -8.77
C GLU A 383 6.93 5.92 -8.76
N MET B 6 -7.95 -26.62 4.59
CA MET B 6 -7.39 -25.54 3.79
C MET B 6 -8.44 -24.81 2.95
N HIS B 7 -8.51 -23.49 3.12
CA HIS B 7 -9.43 -22.67 2.34
C HIS B 7 -8.72 -21.90 1.22
N ILE B 8 -9.44 -21.71 0.13
CA ILE B 8 -8.96 -20.89 -0.95
C ILE B 8 -10.12 -20.01 -1.41
N PHE B 9 -9.82 -18.76 -1.72
CA PHE B 9 -10.82 -17.90 -2.30
C PHE B 9 -10.77 -18.03 -3.81
N VAL B 10 -11.94 -18.04 -4.44
CA VAL B 10 -12.04 -17.90 -5.89
C VAL B 10 -12.72 -16.55 -6.17
N LYS B 11 -11.97 -15.63 -6.76
CA LYS B 11 -12.42 -14.28 -7.00
C LYS B 11 -12.66 -14.05 -8.48
N THR B 12 -13.46 -13.04 -8.80
CA THR B 12 -13.66 -12.65 -10.19
C THR B 12 -13.36 -11.17 -10.38
N LEU B 13 -12.94 -10.78 -11.58
CA LEU B 13 -12.85 -9.35 -11.87
C LEU B 13 -14.25 -8.70 -11.89
N ARG B 14 -15.29 -9.50 -12.12
CA ARG B 14 -16.65 -8.96 -12.09
C ARG B 14 -16.99 -8.44 -10.70
N GLY B 15 -16.45 -9.11 -9.68
CA GLY B 15 -16.52 -8.58 -8.33
C GLY B 15 -17.09 -9.55 -7.31
N TRP B 16 -17.73 -10.62 -7.77
CA TRP B 16 -18.21 -11.63 -6.83
C TRP B 16 -17.12 -12.64 -6.50
N SER B 17 -17.32 -13.32 -5.38
CA SER B 17 -16.30 -14.15 -4.76
C SER B 17 -16.95 -15.37 -4.13
N ILE B 18 -16.18 -16.44 -3.93
CA ILE B 18 -16.61 -17.56 -3.09
C ILE B 18 -15.43 -18.06 -2.26
N THR B 19 -15.74 -18.86 -1.24
CA THR B 19 -14.69 -19.55 -0.49
C THR B 19 -14.87 -21.06 -0.70
N LEU B 20 -13.76 -21.76 -0.89
CA LEU B 20 -13.82 -23.21 -1.08
C LEU B 20 -12.95 -23.95 -0.07
N GLU B 21 -13.49 -25.03 0.47
CA GLU B 21 -12.67 -25.94 1.27
C GLU B 21 -12.05 -26.96 0.33
N VAL B 22 -10.74 -27.12 0.41
CA VAL B 22 -10.00 -27.96 -0.52
C VAL B 22 -8.86 -28.72 0.12
N GLU B 23 -8.30 -29.60 -0.71
CA GLU B 23 -7.18 -30.42 -0.31
C GLU B 23 -5.98 -30.05 -1.19
N PRO B 24 -4.77 -29.92 -0.62
CA PRO B 24 -3.59 -29.64 -1.45
C PRO B 24 -3.41 -30.66 -2.56
N SER B 25 -4.00 -31.84 -2.36
CA SER B 25 -3.94 -32.93 -3.31
C SER B 25 -4.97 -32.84 -4.44
N ASP B 26 -5.91 -31.90 -4.31
CA ASP B 26 -7.00 -31.75 -5.26
C ASP B 26 -6.55 -31.26 -6.63
N THR B 27 -7.11 -31.83 -7.69
CA THR B 27 -6.81 -31.40 -9.05
C THR B 27 -7.70 -30.24 -9.48
N ILE B 28 -7.23 -29.47 -10.46
CA ILE B 28 -7.95 -28.31 -10.97
C ILE B 28 -9.34 -28.68 -11.46
N GLU B 29 -9.51 -29.90 -11.98
CA GLU B 29 -10.80 -30.34 -12.44
C GLU B 29 -11.74 -30.62 -11.25
N ASN B 30 -11.17 -31.02 -10.11
CA ASN B 30 -11.94 -31.15 -8.88
C ASN B 30 -12.42 -29.79 -8.44
N VAL B 31 -11.51 -28.81 -8.46
CA VAL B 31 -11.84 -27.44 -8.05
C VAL B 31 -13.00 -26.93 -8.89
N LYS B 32 -12.88 -27.08 -10.21
CA LYS B 32 -13.92 -26.61 -11.12
C LYS B 32 -15.24 -27.32 -10.86
N ALA B 33 -15.16 -28.54 -10.33
CA ALA B 33 -16.35 -29.31 -9.98
C ALA B 33 -17.05 -28.69 -8.78
N LYS B 34 -16.29 -28.43 -7.72
CA LYS B 34 -16.81 -27.75 -6.52
C LYS B 34 -17.43 -26.40 -6.87
N ILE B 35 -16.82 -25.70 -7.82
CA ILE B 35 -17.35 -24.43 -8.31
C ILE B 35 -18.70 -24.67 -8.97
N GLN B 36 -18.80 -25.72 -9.78
CA GLN B 36 -20.07 -26.07 -10.38
C GLN B 36 -21.11 -26.42 -9.31
N ASP B 37 -20.69 -27.19 -8.31
CA ASP B 37 -21.56 -27.56 -7.19
C ASP B 37 -22.18 -26.34 -6.51
N LYS B 38 -21.36 -25.34 -6.20
CA LYS B 38 -21.79 -24.22 -5.37
C LYS B 38 -22.42 -23.10 -6.18
N GLU B 39 -21.89 -22.90 -7.39
CA GLU B 39 -22.20 -21.75 -8.22
C GLU B 39 -23.11 -22.07 -9.42
N GLY B 40 -23.11 -23.32 -9.84
CA GLY B 40 -23.94 -23.72 -10.97
C GLY B 40 -23.27 -23.48 -12.32
N ILE B 41 -21.98 -23.19 -12.31
CA ILE B 41 -21.25 -22.92 -13.54
C ILE B 41 -20.59 -24.18 -14.09
N PRO B 42 -20.97 -24.60 -15.30
CA PRO B 42 -20.33 -25.82 -15.85
C PRO B 42 -18.83 -25.62 -16.04
N PRO B 43 -18.04 -26.61 -15.62
CA PRO B 43 -16.57 -26.49 -15.63
C PRO B 43 -15.99 -26.23 -17.01
N ASP B 44 -16.76 -26.53 -18.06
CA ASP B 44 -16.37 -26.27 -19.44
C ASP B 44 -16.30 -24.77 -19.73
N GLN B 45 -16.99 -23.96 -18.92
CA GLN B 45 -16.99 -22.52 -19.10
C GLN B 45 -16.00 -21.81 -18.17
N GLN B 46 -15.35 -22.56 -17.29
CA GLN B 46 -14.47 -21.96 -16.29
C GLN B 46 -13.02 -21.93 -16.71
N ILE B 47 -12.34 -20.85 -16.35
CA ILE B 47 -10.90 -20.72 -16.52
C ILE B 47 -10.31 -20.19 -15.21
N LEU B 48 -9.43 -20.97 -14.60
CA LEU B 48 -8.80 -20.55 -13.35
C LEU B 48 -7.36 -20.10 -13.55
N ILE B 49 -6.97 -19.02 -12.88
CA ILE B 49 -5.59 -18.58 -12.88
C ILE B 49 -5.07 -18.34 -11.47
N PHE B 50 -3.75 -18.43 -11.34
CA PHE B 50 -3.09 -18.15 -10.08
C PHE B 50 -1.71 -17.56 -10.39
N ALA B 51 -1.46 -16.36 -9.88
CA ALA B 51 -0.17 -15.69 -10.08
C ALA B 51 0.24 -15.66 -11.55
N ARG B 52 -0.64 -15.10 -12.38
CA ARG B 52 -0.42 -14.88 -13.81
C ARG B 52 -0.35 -16.15 -14.66
N LYS B 53 -0.58 -17.31 -14.04
CA LYS B 53 -0.55 -18.58 -14.77
C LYS B 53 -1.92 -19.26 -14.86
N LYS B 54 -2.33 -19.63 -16.08
CA LYS B 54 -3.55 -20.41 -16.28
C LYS B 54 -3.36 -21.83 -15.74
N LEU B 55 -4.37 -22.35 -15.06
CA LEU B 55 -4.26 -23.64 -14.40
C LEU B 55 -4.87 -24.72 -15.29
N GLU B 56 -4.14 -25.82 -15.46
CA GLU B 56 -4.64 -26.91 -16.27
C GLU B 56 -5.21 -28.03 -15.42
N ASP B 57 -6.32 -28.61 -15.87
CA ASP B 57 -6.85 -29.79 -15.21
C ASP B 57 -5.77 -30.87 -15.25
N GLY B 58 -5.74 -31.70 -14.23
CA GLY B 58 -4.72 -32.73 -14.16
C GLY B 58 -3.65 -32.35 -13.18
N ARG B 59 -3.31 -31.07 -13.12
CA ARG B 59 -2.39 -30.59 -12.11
C ARG B 59 -3.12 -30.43 -10.79
N THR B 60 -2.39 -30.55 -9.69
CA THR B 60 -2.98 -30.40 -8.36
C THR B 60 -2.80 -28.98 -7.85
N LEU B 61 -3.48 -28.66 -6.76
CA LEU B 61 -3.29 -27.36 -6.12
C LEU B 61 -1.88 -27.24 -5.54
N SER B 62 -1.16 -28.35 -5.45
CA SER B 62 0.18 -28.35 -4.86
C SER B 62 1.27 -28.06 -5.90
N ASP B 63 1.01 -28.45 -7.15
CA ASP B 63 1.92 -28.17 -8.26
C ASP B 63 2.13 -26.66 -8.41
N TYR B 64 1.10 -25.90 -8.09
CA TYR B 64 1.19 -24.46 -7.87
C TYR B 64 1.30 -24.36 -6.35
N ASN B 65 2.04 -23.43 -5.76
CA ASN B 65 2.08 -23.51 -4.31
C ASN B 65 0.87 -22.82 -3.68
N ILE B 66 -0.30 -23.09 -4.25
CA ILE B 66 -1.59 -22.67 -3.70
C ILE B 66 -1.76 -23.17 -2.27
N GLN B 67 -1.81 -22.25 -1.32
CA GLN B 67 -1.92 -22.62 0.08
C GLN B 67 -3.15 -22.02 0.75
N GLU B 68 -3.06 -21.87 2.07
CA GLU B 68 -4.15 -21.33 2.88
C GLU B 68 -4.40 -19.85 2.57
N LYS B 69 -5.66 -19.53 2.27
CA LYS B 69 -6.09 -18.17 1.91
C LYS B 69 -5.40 -17.63 0.65
N SER B 70 -4.89 -18.52 -0.21
CA SER B 70 -4.51 -18.16 -1.57
C SER B 70 -5.76 -17.80 -2.40
N SER B 71 -5.63 -16.79 -3.25
CA SER B 71 -6.76 -16.30 -4.05
C SER B 71 -6.56 -16.60 -5.53
N LEU B 72 -7.40 -17.48 -6.05
CA LEU B 72 -7.45 -17.78 -7.48
C LEU B 72 -8.37 -16.79 -8.16
N TYR B 73 -8.17 -16.54 -9.46
CA TYR B 73 -9.15 -15.78 -10.21
C TYR B 73 -9.82 -16.65 -11.26
N LEU B 74 -11.14 -16.57 -11.27
CA LEU B 74 -11.99 -17.29 -12.20
C LEU B 74 -12.45 -16.39 -13.33
N PHE B 75 -12.31 -16.89 -14.56
CA PHE B 75 -12.80 -16.22 -15.75
C PHE B 75 -13.84 -17.11 -16.41
N LEU B 76 -14.93 -16.52 -16.90
CA LEU B 76 -15.98 -17.32 -17.55
C LEU B 76 -15.93 -17.20 -19.08
N ARG B 77 -16.30 -18.30 -19.75
CA ARG B 77 -16.28 -18.41 -21.21
C ARG B 77 -17.66 -18.20 -21.80
N LEU B 78 -17.73 -17.58 -22.97
CA LEU B 78 -19.02 -17.32 -23.58
C LEU B 78 -19.47 -18.53 -24.40
#